data_3P8F
#
_entry.id   3P8F
#
_cell.length_a   75.862
_cell.length_b   75.862
_cell.length_c   94.094
_cell.angle_alpha   90.00
_cell.angle_beta   90.00
_cell.angle_gamma   90.00
#
_symmetry.space_group_name_H-M   'P 41 21 2'
#
loop_
_entity.id
_entity.type
_entity.pdbx_description
1 polymer 'ST14 protein'
2 polymer 'Trypsin inhibitor 1'
3 non-polymer GLUTATHIONE
4 water water
#
loop_
_entity_poly.entity_id
_entity_poly.type
_entity_poly.pdbx_seq_one_letter_code
_entity_poly.pdbx_strand_id
1 'polypeptide(L)'
;VVGGTDADEGEWPWQVSLHALGQGHICGASLISPNWLVSAAHCYIDDRGFRYSDPTQWTAFLGLHDQSQRSAPGVQERRL
KRIISHPFFNDFTFDYDIALLELEKPAEYSSMVRPICLPDASHVFPAGKAIWVTGWGHTQYGGTGALILQKGEIRVIQQT
TCENLLPQQITPRMMCVGFLSGGVDSCQGDSGGPLSSVEADGRIFQAGVVSWGDGCAQRNKPGVYTRLPLFRDWIKENTG
V
;
A
2 'polypeptide(L)' GRCTKSIPPICFPD I
#
loop_
_chem_comp.id
_chem_comp.type
_chem_comp.name
_chem_comp.formula
GSH non-polymer GLUTATHIONE 'C10 H17 N3 O6 S'
#
# COMPACT_ATOMS: atom_id res chain seq x y z
N VAL A 1 -7.56 4.79 5.90
CA VAL A 1 -8.68 4.79 4.96
C VAL A 1 -9.81 5.70 5.43
N VAL A 2 -10.17 6.66 4.59
CA VAL A 2 -11.29 7.56 4.88
C VAL A 2 -12.57 7.02 4.26
N GLY A 3 -13.66 7.06 5.02
CA GLY A 3 -14.96 6.65 4.51
C GLY A 3 -15.15 5.15 4.37
N GLY A 4 -14.29 4.38 5.04
CA GLY A 4 -14.41 2.93 5.02
C GLY A 4 -15.13 2.41 6.24
N THR A 5 -14.97 1.12 6.52
CA THR A 5 -15.57 0.48 7.68
C THR A 5 -14.64 -0.59 8.23
N ASP A 6 -14.88 -1.03 9.46
CA ASP A 6 -14.10 -2.11 10.05
C ASP A 6 -14.16 -3.35 9.16
N ALA A 7 -12.99 -3.92 8.89
CA ALA A 7 -12.93 -5.16 8.13
C ALA A 7 -13.22 -6.34 9.04
N ASP A 8 -13.73 -7.43 8.46
CA ASP A 8 -13.92 -8.65 9.22
C ASP A 8 -12.54 -9.25 9.52
N GLU A 9 -12.44 -10.00 10.61
CA GLU A 9 -11.18 -10.62 10.97
C GLU A 9 -10.80 -11.69 9.95
N GLY A 10 -9.61 -11.53 9.35
CA GLY A 10 -9.12 -12.47 8.36
C GLY A 10 -9.68 -12.21 6.97
N GLU A 11 -10.31 -11.05 6.79
CA GLU A 11 -10.91 -10.72 5.50
C GLU A 11 -9.85 -10.33 4.48
N TRP A 12 -8.72 -9.83 4.95
CA TRP A 12 -7.63 -9.42 4.06
C TRP A 12 -6.29 -9.98 4.55
N PRO A 13 -6.12 -11.31 4.44
CA PRO A 13 -4.96 -12.02 4.99
C PRO A 13 -3.64 -11.69 4.32
N TRP A 14 -3.68 -10.93 3.23
CA TRP A 14 -2.46 -10.52 2.55
C TRP A 14 -1.98 -9.14 3.02
N GLN A 15 -2.84 -8.45 3.76
CA GLN A 15 -2.50 -7.13 4.27
C GLN A 15 -1.49 -7.23 5.41
N VAL A 16 -0.36 -6.53 5.26
CA VAL A 16 0.70 -6.57 6.26
C VAL A 16 0.89 -5.20 6.91
N SER A 17 1.25 -5.21 8.19
CA SER A 17 1.53 -3.98 8.92
C SER A 17 3.03 -3.88 9.21
N LEU A 18 3.64 -2.80 8.75
CA LEU A 18 5.07 -2.59 8.99
C LEU A 18 5.31 -1.57 10.09
N HIS A 19 6.07 -1.98 11.11
CA HIS A 19 6.43 -1.09 12.21
C HIS A 19 7.92 -0.80 12.18
N ALA A 20 8.29 0.43 12.53
CA ALA A 20 9.68 0.79 12.72
C ALA A 20 9.94 1.07 14.20
N LEU A 21 11.19 0.91 14.62
CA LEU A 21 11.55 1.04 16.03
C LEU A 21 10.88 2.23 16.73
N GLY A 22 9.98 1.92 17.65
CA GLY A 22 9.36 2.93 18.50
C GLY A 22 8.36 3.83 17.81
N GLN A 23 7.86 3.39 16.66
CA GLN A 23 6.89 4.18 15.91
C GLN A 23 5.62 3.42 15.61
N GLY A 24 5.56 2.16 16.07
CA GLY A 24 4.44 1.31 15.74
C GLY A 24 4.23 1.29 14.24
N HIS A 25 2.98 1.09 13.83
CA HIS A 25 2.64 1.02 12.41
C HIS A 25 2.88 2.35 11.70
N ILE A 26 3.57 2.32 10.57
CA ILE A 26 3.77 3.53 9.78
C ILE A 26 3.58 3.30 8.28
N CYS A 27 3.65 2.03 7.85
CA CYS A 27 3.38 1.69 6.46
C CYS A 27 2.76 0.30 6.34
N GLY A 28 2.15 0.03 5.18
CA GLY A 28 1.58 -1.26 4.90
C GLY A 28 2.39 -2.00 3.85
N ALA A 29 1.98 -3.24 3.59
CA ALA A 29 2.63 -4.07 2.58
C ALA A 29 1.71 -5.23 2.24
N SER A 30 2.02 -5.94 1.16
CA SER A 30 1.23 -7.10 0.78
C SER A 30 2.09 -8.36 0.72
N LEU A 31 1.55 -9.45 1.23
CA LEU A 31 2.20 -10.75 1.16
C LEU A 31 1.98 -11.36 -0.23
N ILE A 32 3.06 -11.70 -0.91
CA ILE A 32 2.95 -12.31 -2.24
C ILE A 32 3.52 -13.73 -2.28
N SER A 33 4.30 -14.09 -1.27
CA SER A 33 4.86 -15.43 -1.14
C SER A 33 5.32 -15.63 0.29
N PRO A 34 5.78 -16.85 0.63
CA PRO A 34 6.23 -17.11 2.01
C PRO A 34 7.37 -16.20 2.46
N ASN A 35 8.17 -15.71 1.51
CA ASN A 35 9.36 -14.95 1.85
C ASN A 35 9.34 -13.48 1.39
N TRP A 36 8.33 -13.06 0.63
CA TRP A 36 8.36 -11.74 0.03
C TRP A 36 7.11 -10.88 0.22
N LEU A 37 7.32 -9.58 0.37
CA LEU A 37 6.24 -8.62 0.47
C LEU A 37 6.44 -7.53 -0.57
N VAL A 38 5.33 -6.92 -0.99
CA VAL A 38 5.39 -5.75 -1.85
C VAL A 38 4.94 -4.52 -1.05
N SER A 39 5.67 -3.42 -1.22
CA SER A 39 5.37 -2.18 -0.50
C SER A 39 5.74 -0.97 -1.36
N ALA A 40 5.73 0.21 -0.77
CA ALA A 40 6.09 1.42 -1.49
C ALA A 40 7.50 1.84 -1.13
N ALA A 41 8.25 2.32 -2.13
CA ALA A 41 9.64 2.70 -1.91
C ALA A 41 9.81 3.89 -0.95
N HIS A 42 8.87 4.83 -0.97
CA HIS A 42 9.01 6.04 -0.16
C HIS A 42 9.03 5.75 1.34
N CYS A 43 8.50 4.59 1.74
CA CYS A 43 8.43 4.26 3.16
C CYS A 43 9.82 4.06 3.77
N TYR A 44 10.81 3.84 2.92
CA TYR A 44 12.12 3.40 3.38
C TYR A 44 13.24 4.38 3.07
N ILE A 45 12.86 5.62 2.75
CA ILE A 45 13.83 6.69 2.55
C ILE A 45 14.30 7.24 3.88
N ASP A 46 15.60 7.40 4.01
CA ASP A 46 16.19 7.94 5.24
C ASP A 46 15.74 9.38 5.48
N ASP A 47 15.44 9.68 6.73
CA ASP A 47 15.23 11.07 7.13
C ASP A 47 16.33 11.40 8.13
N ARG A 48 16.69 12.67 8.22
CA ARG A 48 17.81 13.07 9.06
C ARG A 48 17.56 12.75 10.54
N GLY A 49 16.45 12.07 10.83
CA GLY A 49 16.10 11.72 12.18
C GLY A 49 15.96 10.22 12.44
N PHE A 50 15.83 9.44 11.36
CA PHE A 50 15.64 8.00 11.50
C PHE A 50 16.09 7.24 10.24
N ARG A 51 16.73 6.09 10.43
CA ARG A 51 17.23 5.29 9.32
C ARG A 51 16.17 4.32 8.79
N TYR A 52 15.24 4.82 8.00
CA TYR A 52 14.16 3.99 7.47
C TYR A 52 14.66 3.00 6.41
N SER A 53 15.83 3.28 5.84
CA SER A 53 16.38 2.40 4.81
C SER A 53 17.05 1.16 5.41
N ASP A 54 17.27 1.18 6.72
CA ASP A 54 17.90 0.06 7.42
C ASP A 54 16.88 -1.02 7.77
N PRO A 55 16.99 -2.19 7.14
CA PRO A 55 16.05 -3.30 7.29
C PRO A 55 15.89 -3.77 8.74
N THR A 56 16.92 -3.59 9.55
CA THR A 56 16.91 -4.07 10.93
C THR A 56 15.98 -3.23 11.80
N GLN A 57 15.53 -2.09 11.27
CA GLN A 57 14.67 -1.19 12.02
C GLN A 57 13.21 -1.57 11.91
N TRP A 58 12.91 -2.60 11.13
CA TRP A 58 11.53 -2.93 10.79
C TRP A 58 11.03 -4.26 11.35
N THR A 59 9.75 -4.30 11.66
CA THR A 59 9.07 -5.53 12.05
C THR A 59 7.77 -5.63 11.25
N ALA A 60 7.56 -6.77 10.59
CA ALA A 60 6.34 -7.00 9.84
C ALA A 60 5.35 -7.82 10.66
N PHE A 61 4.13 -7.32 10.79
CA PHE A 61 3.08 -8.06 11.48
C PHE A 61 2.09 -8.62 10.47
N LEU A 62 2.00 -9.94 10.41
CA LEU A 62 1.07 -10.61 9.50
C LEU A 62 -0.13 -11.16 10.25
N GLY A 63 -1.27 -11.25 9.56
CA GLY A 63 -2.50 -11.72 10.16
C GLY A 63 -2.98 -10.80 11.27
N LEU A 64 -2.57 -9.55 11.22
CA LEU A 64 -2.94 -8.57 12.24
C LEU A 64 -4.28 -7.89 11.93
N HIS A 65 -5.04 -7.61 12.99
CA HIS A 65 -6.35 -6.99 12.84
C HIS A 65 -6.43 -5.68 13.62
N ASP A 66 -6.00 -5.74 14.88
CA ASP A 66 -6.09 -4.61 15.79
C ASP A 66 -4.70 -4.20 16.26
N GLN A 67 -4.32 -2.95 15.97
CA GLN A 67 -3.00 -2.45 16.33
C GLN A 67 -2.76 -2.44 17.85
N SER A 68 -3.84 -2.44 18.62
CA SER A 68 -3.72 -2.43 20.08
C SER A 68 -3.72 -3.85 20.64
N GLN A 69 -3.82 -4.83 19.75
CA GLN A 69 -3.79 -6.24 20.15
C GLN A 69 -2.91 -7.03 19.19
N ARG A 70 -1.60 -6.78 19.26
CA ARG A 70 -0.65 -7.36 18.31
C ARG A 70 -0.13 -8.72 18.74
N SER A 71 -0.59 -9.18 19.90
CA SER A 71 -0.21 -10.50 20.40
C SER A 71 -1.39 -11.45 20.33
N ALA A 72 -2.35 -11.12 19.46
CA ALA A 72 -3.54 -11.94 19.28
C ALA A 72 -3.21 -13.24 18.54
N PRO A 73 -4.02 -14.27 18.74
CA PRO A 73 -3.83 -15.57 18.06
C PRO A 73 -3.85 -15.42 16.54
N GLY A 74 -2.84 -15.97 15.88
CA GLY A 74 -2.76 -15.92 14.43
C GLY A 74 -1.78 -14.89 13.91
N VAL A 75 -1.51 -13.87 14.72
CA VAL A 75 -0.57 -12.81 14.33
C VAL A 75 0.86 -13.33 14.33
N GLN A 76 1.57 -13.08 13.23
CA GLN A 76 2.96 -13.50 13.10
C GLN A 76 3.88 -12.29 12.98
N GLU A 77 4.94 -12.28 13.78
CA GLU A 77 5.97 -11.24 13.66
C GLU A 77 7.13 -11.76 12.83
N ARG A 78 7.59 -10.95 11.89
CA ARG A 78 8.75 -11.33 11.08
C ARG A 78 9.69 -10.15 10.92
N ARG A 79 10.98 -10.45 10.93
CA ARG A 79 12.01 -9.44 10.69
C ARG A 79 12.25 -9.31 9.20
N LEU A 80 12.81 -8.17 8.78
CA LEU A 80 13.15 -7.97 7.38
C LEU A 80 14.62 -8.27 7.13
N LYS A 81 14.89 -8.98 6.04
CA LYS A 81 16.25 -9.33 5.69
C LYS A 81 16.85 -8.32 4.71
N ARG A 82 16.01 -7.80 3.82
CA ARG A 82 16.47 -6.93 2.76
C ARG A 82 15.34 -6.05 2.24
N ILE A 83 15.69 -4.86 1.74
CA ILE A 83 14.72 -3.98 1.10
C ILE A 83 15.20 -3.57 -0.29
N ILE A 84 14.46 -3.97 -1.31
CA ILE A 84 14.81 -3.59 -2.67
C ILE A 84 13.86 -2.53 -3.21
N SER A 85 14.31 -1.28 -3.19
CA SER A 85 13.54 -0.19 -3.78
C SER A 85 13.81 -0.16 -5.28
N HIS A 86 12.79 0.11 -6.07
CA HIS A 86 12.96 0.15 -7.51
C HIS A 86 14.06 1.13 -7.89
N PRO A 87 14.96 0.71 -8.79
CA PRO A 87 16.09 1.51 -9.26
C PRO A 87 15.70 2.90 -9.76
N PHE A 88 14.52 3.03 -10.37
CA PHE A 88 14.12 4.29 -10.97
C PHE A 88 13.24 5.15 -10.05
N PHE A 89 13.12 4.75 -8.78
CA PHE A 89 12.31 5.50 -7.83
C PHE A 89 12.82 6.93 -7.68
N ASN A 90 11.91 7.89 -7.81
CA ASN A 90 12.23 9.31 -7.65
C ASN A 90 11.61 9.87 -6.37
N ASP A 91 12.46 10.24 -5.42
CA ASP A 91 11.98 10.69 -4.10
C ASP A 91 11.37 12.09 -4.11
N PHE A 92 11.23 12.69 -5.28
CA PHE A 92 10.59 13.99 -5.40
C PHE A 92 9.24 13.89 -6.13
N THR A 93 9.25 13.24 -7.28
CA THR A 93 8.03 13.04 -8.06
C THR A 93 7.25 11.82 -7.59
N PHE A 94 7.93 10.92 -6.87
CA PHE A 94 7.34 9.68 -6.39
C PHE A 94 7.13 8.66 -7.52
N ASP A 95 7.76 8.91 -8.67
CA ASP A 95 7.70 7.98 -9.79
C ASP A 95 8.35 6.66 -9.40
N TYR A 96 7.86 5.56 -9.99
CA TYR A 96 8.39 4.23 -9.68
C TYR A 96 8.39 3.94 -8.19
N ASP A 97 7.29 4.25 -7.52
CA ASP A 97 7.18 4.09 -6.08
C ASP A 97 6.77 2.67 -5.71
N ILE A 98 7.75 1.77 -5.65
CA ILE A 98 7.49 0.37 -5.32
C ILE A 98 8.75 -0.28 -4.74
N ALA A 99 8.56 -1.17 -3.77
CA ALA A 99 9.68 -1.87 -3.15
C ALA A 99 9.33 -3.32 -2.84
N LEU A 100 10.37 -4.16 -2.72
CA LEU A 100 10.19 -5.55 -2.35
C LEU A 100 10.85 -5.81 -1.00
N LEU A 101 10.14 -6.47 -0.09
CA LEU A 101 10.66 -6.73 1.24
C LEU A 101 10.84 -8.23 1.47
N GLU A 102 12.07 -8.65 1.73
CA GLU A 102 12.36 -10.05 2.02
C GLU A 102 12.34 -10.32 3.51
N LEU A 103 11.50 -11.26 3.94
CA LEU A 103 11.44 -11.64 5.34
C LEU A 103 12.65 -12.50 5.70
N GLU A 104 13.01 -12.50 6.99
CA GLU A 104 14.10 -13.35 7.47
C GLU A 104 13.61 -14.77 7.68
N LYS A 105 12.45 -14.89 8.34
CA LYS A 105 11.82 -16.19 8.55
C LYS A 105 10.56 -16.28 7.72
N PRO A 106 10.38 -17.41 7.00
CA PRO A 106 9.23 -17.61 6.13
C PRO A 106 7.90 -17.38 6.87
N ALA A 107 6.95 -16.76 6.20
CA ALA A 107 5.61 -16.60 6.75
C ALA A 107 4.91 -17.95 6.74
N GLU A 108 4.04 -18.18 7.73
CA GLU A 108 3.32 -19.43 7.84
C GLU A 108 1.87 -19.26 7.42
N TYR A 109 1.51 -19.83 6.27
CA TYR A 109 0.15 -19.68 5.74
C TYR A 109 -0.89 -20.26 6.69
N SER A 110 -1.87 -19.43 7.04
CA SER A 110 -2.97 -19.85 7.89
C SER A 110 -4.26 -19.24 7.37
N SER A 111 -5.31 -19.31 8.18
CA SER A 111 -6.59 -18.71 7.81
C SER A 111 -6.49 -17.19 7.82
N MET A 112 -5.54 -16.66 8.58
CA MET A 112 -5.35 -15.22 8.72
C MET A 112 -4.14 -14.73 7.91
N VAL A 113 -3.31 -15.65 7.46
CA VAL A 113 -2.12 -15.29 6.67
C VAL A 113 -2.15 -16.01 5.33
N ARG A 114 -2.23 -15.23 4.25
CA ARG A 114 -2.42 -15.77 2.92
C ARG A 114 -2.03 -14.76 1.84
N PRO A 115 -1.32 -15.22 0.80
CA PRO A 115 -0.80 -14.32 -0.23
C PRO A 115 -1.87 -13.81 -1.18
N ILE A 116 -1.60 -12.66 -1.80
CA ILE A 116 -2.48 -12.09 -2.80
C ILE A 116 -1.97 -12.48 -4.19
N CYS A 117 -2.89 -12.68 -5.13
CA CYS A 117 -2.49 -13.01 -6.50
C CYS A 117 -1.86 -11.80 -7.17
N LEU A 118 -0.87 -12.05 -8.03
CA LEU A 118 -0.27 -10.99 -8.82
C LEU A 118 -0.77 -11.06 -10.26
N PRO A 119 -1.21 -9.92 -10.81
CA PRO A 119 -1.74 -9.85 -12.17
C PRO A 119 -0.63 -9.93 -13.21
N ASP A 120 -0.93 -10.48 -14.38
CA ASP A 120 0.06 -10.61 -15.45
C ASP A 120 0.49 -9.26 -16.01
N ALA A 121 1.70 -9.21 -16.53
CA ALA A 121 2.27 -7.97 -17.06
C ALA A 121 1.47 -7.39 -18.23
N SER A 122 0.50 -8.16 -18.73
CA SER A 122 -0.31 -7.70 -19.84
C SER A 122 -1.76 -7.43 -19.44
N HIS A 123 -2.13 -7.81 -18.22
CA HIS A 123 -3.48 -7.58 -17.74
C HIS A 123 -3.73 -6.09 -17.52
N VAL A 124 -4.98 -5.69 -17.64
CA VAL A 124 -5.36 -4.29 -17.46
C VAL A 124 -6.57 -4.14 -16.55
N PHE A 125 -6.41 -3.35 -15.50
CA PHE A 125 -7.52 -3.01 -14.63
C PHE A 125 -8.25 -1.80 -15.20
N PRO A 126 -9.42 -2.03 -15.81
CA PRO A 126 -10.15 -1.03 -16.60
C PRO A 126 -10.71 0.12 -15.77
N ALA A 127 -10.81 1.30 -16.37
CA ALA A 127 -11.42 2.44 -15.72
C ALA A 127 -12.86 2.11 -15.36
N GLY A 128 -13.25 2.43 -14.13
CA GLY A 128 -14.62 2.16 -13.68
C GLY A 128 -14.71 0.89 -12.84
N LYS A 129 -13.67 0.07 -12.88
CA LYS A 129 -13.65 -1.16 -12.11
C LYS A 129 -13.58 -0.88 -10.60
N ALA A 130 -14.46 -1.54 -9.85
CA ALA A 130 -14.47 -1.40 -8.39
C ALA A 130 -13.28 -2.11 -7.77
N ILE A 131 -12.57 -1.39 -6.90
CA ILE A 131 -11.38 -1.90 -6.24
C ILE A 131 -11.50 -1.66 -4.74
N TRP A 132 -10.81 -2.48 -3.96
CA TRP A 132 -10.79 -2.29 -2.51
C TRP A 132 -9.43 -1.78 -2.03
N VAL A 133 -9.47 -0.74 -1.20
CA VAL A 133 -8.26 -0.26 -0.54
C VAL A 133 -8.36 -0.54 0.95
N THR A 134 -7.27 -1.00 1.56
CA THR A 134 -7.27 -1.38 2.96
C THR A 134 -6.03 -0.88 3.70
N GLY A 135 -6.18 -0.65 5.00
CA GLY A 135 -5.04 -0.22 5.80
C GLY A 135 -5.41 0.33 7.17
N TRP A 136 -4.38 0.64 7.95
CA TRP A 136 -4.57 1.18 9.29
C TRP A 136 -4.29 2.68 9.31
N GLY A 137 -4.33 3.30 8.13
CA GLY A 137 -4.08 4.73 8.02
C GLY A 137 -5.18 5.58 8.62
N HIS A 138 -5.00 6.90 8.53
CA HIS A 138 -5.97 7.86 9.04
C HIS A 138 -7.36 7.65 8.46
N THR A 139 -8.40 7.87 9.27
CA THR A 139 -9.77 7.77 8.81
C THR A 139 -10.31 9.15 8.42
N GLN A 140 -9.47 10.16 8.60
CA GLN A 140 -9.72 11.51 8.10
C GLN A 140 -8.38 12.24 8.02
N TYR A 141 -8.27 13.20 7.11
CA TYR A 141 -7.01 13.92 6.97
C TYR A 141 -6.69 14.69 8.25
N GLY A 142 -5.44 14.55 8.72
CA GLY A 142 -5.01 15.20 9.93
C GLY A 142 -5.46 14.46 11.18
N GLY A 143 -5.94 13.24 10.99
CA GLY A 143 -6.41 12.43 12.10
C GLY A 143 -5.37 11.47 12.63
N THR A 144 -5.84 10.37 13.21
CA THR A 144 -4.97 9.31 13.68
C THR A 144 -5.26 8.06 12.86
N GLY A 145 -4.36 7.09 12.92
CA GLY A 145 -4.57 5.83 12.24
C GLY A 145 -5.74 5.09 12.88
N ALA A 146 -6.15 3.99 12.26
CA ALA A 146 -7.21 3.16 12.81
C ALA A 146 -6.61 1.96 13.55
N LEU A 147 -7.18 1.65 14.71
CA LEU A 147 -6.76 0.46 15.44
C LEU A 147 -7.20 -0.79 14.69
N ILE A 148 -8.46 -0.80 14.27
CA ILE A 148 -8.99 -1.92 13.49
C ILE A 148 -8.78 -1.68 12.00
N LEU A 149 -8.30 -2.70 11.31
CA LEU A 149 -8.08 -2.64 9.87
C LEU A 149 -9.32 -2.15 9.13
N GLN A 150 -9.14 -1.13 8.28
CA GLN A 150 -10.25 -0.53 7.55
C GLN A 150 -10.28 -0.95 6.09
N LYS A 151 -11.47 -1.06 5.53
CA LYS A 151 -11.64 -1.36 4.10
C LYS A 151 -12.56 -0.36 3.42
N GLY A 152 -12.26 -0.04 2.17
CA GLY A 152 -13.07 0.87 1.40
C GLY A 152 -13.11 0.50 -0.07
N GLU A 153 -14.26 0.68 -0.70
CA GLU A 153 -14.41 0.38 -2.12
C GLU A 153 -14.20 1.65 -2.96
N ILE A 154 -13.31 1.57 -3.94
CA ILE A 154 -13.01 2.71 -4.79
C ILE A 154 -13.02 2.33 -6.27
N ARG A 155 -12.91 3.33 -7.14
CA ARG A 155 -13.03 3.11 -8.58
C ARG A 155 -11.77 3.52 -9.34
N VAL A 156 -11.31 2.65 -10.23
CA VAL A 156 -10.20 2.99 -11.12
C VAL A 156 -10.59 4.14 -12.01
N ILE A 157 -9.70 5.11 -12.16
CA ILE A 157 -10.01 6.33 -12.89
C ILE A 157 -9.27 6.38 -14.22
N GLN A 158 -9.94 6.92 -15.24
CA GLN A 158 -9.35 7.10 -16.55
C GLN A 158 -8.05 7.87 -16.42
N GLN A 159 -7.02 7.46 -17.14
CA GLN A 159 -5.70 8.08 -17.01
C GLN A 159 -5.74 9.55 -17.42
N THR A 160 -6.46 9.85 -18.49
CA THR A 160 -6.57 11.22 -18.97
C THR A 160 -7.26 12.11 -17.95
N THR A 161 -8.24 11.53 -17.26
CA THR A 161 -8.91 12.25 -16.18
C THR A 161 -7.93 12.50 -15.04
N CYS A 162 -7.22 11.45 -14.66
CA CYS A 162 -6.19 11.54 -13.62
C CYS A 162 -5.22 12.67 -13.94
N GLU A 163 -4.74 12.70 -15.17
CA GLU A 163 -3.78 13.73 -15.60
C GLU A 163 -4.33 15.14 -15.51
N ASN A 164 -5.63 15.30 -15.79
CA ASN A 164 -6.26 16.61 -15.71
C ASN A 164 -6.58 17.05 -14.29
N LEU A 165 -6.80 16.08 -13.40
CA LEU A 165 -7.09 16.38 -12.01
C LEU A 165 -5.83 16.78 -11.23
N LEU A 166 -4.70 16.17 -11.60
CA LEU A 166 -3.42 16.44 -10.95
C LEU A 166 -2.38 16.82 -11.99
N PRO A 167 -2.50 18.02 -12.57
CA PRO A 167 -1.70 18.48 -13.71
C PRO A 167 -0.20 18.41 -13.45
N GLN A 168 0.54 17.81 -14.39
CA GLN A 168 1.99 17.78 -14.35
C GLN A 168 2.55 16.91 -13.23
N GLN A 169 1.70 16.11 -12.62
CA GLN A 169 2.11 15.31 -11.45
C GLN A 169 2.00 13.80 -11.69
N ILE A 170 1.38 13.41 -12.79
CA ILE A 170 1.09 12.00 -13.07
C ILE A 170 1.98 11.41 -14.17
N THR A 171 2.55 10.23 -13.90
CA THR A 171 3.31 9.49 -14.90
C THR A 171 2.60 8.18 -15.23
N PRO A 172 3.04 7.47 -16.29
CA PRO A 172 2.45 6.19 -16.68
C PRO A 172 2.57 5.11 -15.60
N ARG A 173 3.46 5.30 -14.64
CA ARG A 173 3.62 4.33 -13.55
C ARG A 173 2.49 4.47 -12.52
N MET A 174 1.76 5.58 -12.60
CA MET A 174 0.76 5.91 -11.59
C MET A 174 -0.68 5.68 -12.07
N MET A 175 -1.58 5.54 -11.12
CA MET A 175 -3.00 5.33 -11.41
C MET A 175 -3.85 6.02 -10.35
N CYS A 176 -4.84 6.80 -10.80
CA CYS A 176 -5.81 7.40 -9.90
C CYS A 176 -6.93 6.40 -9.59
N VAL A 177 -7.20 6.21 -8.30
CA VAL A 177 -8.29 5.35 -7.87
C VAL A 177 -9.03 6.02 -6.72
N GLY A 178 -10.36 6.04 -6.79
CA GLY A 178 -11.17 6.66 -5.76
C GLY A 178 -12.50 7.17 -6.30
N PHE A 179 -12.89 8.36 -5.86
CA PHE A 179 -14.11 9.00 -6.34
C PHE A 179 -13.88 10.50 -6.52
N LEU A 180 -14.35 11.06 -7.63
CA LEU A 180 -14.17 12.48 -7.87
C LEU A 180 -14.84 13.34 -6.80
N SER A 181 -15.81 12.75 -6.11
CA SER A 181 -16.52 13.47 -5.05
C SER A 181 -15.76 13.41 -3.74
N GLY A 182 -14.73 12.57 -3.68
CA GLY A 182 -14.03 12.30 -2.45
C GLY A 182 -14.91 11.41 -1.58
N GLY A 183 -14.68 11.43 -0.27
CA GLY A 183 -15.49 10.65 0.64
C GLY A 183 -14.87 9.31 0.99
N VAL A 184 -14.37 8.60 -0.01
CA VAL A 184 -13.62 7.38 0.21
C VAL A 184 -12.24 7.49 -0.43
N ASP A 185 -11.19 7.23 0.36
CA ASP A 185 -9.84 7.41 -0.12
C ASP A 185 -8.85 6.80 0.86
N SER A 186 -7.64 6.52 0.40
CA SER A 186 -6.56 6.10 1.29
C SER A 186 -5.96 7.35 1.92
N CYS A 187 -5.28 7.20 3.05
CA CYS A 187 -4.69 8.33 3.75
C CYS A 187 -3.39 7.93 4.45
N GLN A 188 -2.80 8.86 5.20
CA GLN A 188 -1.51 8.61 5.84
C GLN A 188 -1.53 7.39 6.74
N GLY A 189 -0.57 6.50 6.52
CA GLY A 189 -0.52 5.23 7.23
C GLY A 189 -0.91 4.08 6.32
N ASP A 190 -1.58 4.39 5.21
CA ASP A 190 -2.01 3.37 4.25
C ASP A 190 -0.92 3.03 3.22
N SER A 191 0.06 3.92 3.06
CA SER A 191 1.16 3.72 2.10
C SER A 191 1.68 2.29 2.10
N GLY A 192 1.97 1.77 0.90
CA GLY A 192 2.59 0.47 0.77
C GLY A 192 1.60 -0.68 0.71
N GLY A 193 0.37 -0.43 1.16
CA GLY A 193 -0.67 -1.44 1.14
C GLY A 193 -1.13 -1.77 -0.27
N PRO A 194 -1.77 -2.93 -0.44
CA PRO A 194 -2.24 -3.35 -1.76
C PRO A 194 -3.64 -2.87 -2.08
N LEU A 195 -3.91 -2.59 -3.35
CA LEU A 195 -5.27 -2.50 -3.84
C LEU A 195 -5.73 -3.91 -4.16
N SER A 196 -6.91 -4.28 -3.68
CA SER A 196 -7.44 -5.61 -3.92
C SER A 196 -8.55 -5.59 -4.96
N SER A 197 -8.37 -6.36 -6.03
CA SER A 197 -9.37 -6.46 -7.09
C SER A 197 -10.01 -7.83 -7.13
N VAL A 198 -11.29 -7.90 -6.84
CA VAL A 198 -12.04 -9.16 -6.99
C VAL A 198 -12.26 -9.44 -8.47
N GLU A 199 -11.65 -10.50 -8.97
CA GLU A 199 -11.69 -10.81 -10.40
C GLU A 199 -12.79 -11.81 -10.76
N ALA A 200 -12.87 -12.17 -12.04
CA ALA A 200 -13.98 -12.97 -12.55
C ALA A 200 -14.21 -14.28 -11.81
N ASP A 201 -13.14 -14.94 -11.40
CA ASP A 201 -13.24 -16.23 -10.71
C ASP A 201 -13.49 -16.06 -9.22
N GLY A 202 -13.57 -14.81 -8.77
CA GLY A 202 -13.78 -14.53 -7.36
C GLY A 202 -12.49 -14.37 -6.58
N ARG A 203 -11.37 -14.68 -7.24
CA ARG A 203 -10.06 -14.54 -6.60
C ARG A 203 -9.59 -13.08 -6.61
N ILE A 204 -8.84 -12.71 -5.59
CA ILE A 204 -8.40 -11.32 -5.45
C ILE A 204 -6.97 -11.11 -5.94
N PHE A 205 -6.81 -10.18 -6.87
CA PHE A 205 -5.51 -9.84 -7.44
C PHE A 205 -5.10 -8.44 -7.00
N GLN A 206 -3.79 -8.22 -6.82
CA GLN A 206 -3.30 -6.90 -6.45
C GLN A 206 -3.30 -5.94 -7.64
N ALA A 207 -4.03 -4.83 -7.49
CA ALA A 207 -4.20 -3.88 -8.59
C ALA A 207 -3.30 -2.66 -8.45
N GLY A 208 -2.62 -2.54 -7.31
CA GLY A 208 -1.73 -1.41 -7.10
C GLY A 208 -1.16 -1.31 -5.71
N VAL A 209 -0.39 -0.25 -5.48
CA VAL A 209 0.24 0.00 -4.20
C VAL A 209 -0.06 1.43 -3.76
N VAL A 210 -0.61 1.60 -2.57
CA VAL A 210 -0.89 2.93 -2.04
C VAL A 210 0.37 3.80 -2.11
N SER A 211 0.27 4.98 -2.74
CA SER A 211 1.45 5.81 -2.94
C SER A 211 1.33 7.23 -2.36
N TRP A 212 0.59 8.11 -3.03
CA TRP A 212 0.46 9.49 -2.58
C TRP A 212 -0.87 10.13 -2.95
N GLY A 213 -1.06 11.38 -2.53
CA GLY A 213 -2.23 12.13 -2.88
C GLY A 213 -2.15 13.57 -2.45
N ASP A 214 -2.97 14.41 -3.06
CA ASP A 214 -3.12 15.80 -2.64
C ASP A 214 -4.17 15.79 -1.53
N GLY A 215 -3.71 15.68 -0.29
CA GLY A 215 -4.62 15.50 0.84
C GLY A 215 -5.28 14.13 0.82
N CYS A 216 -6.42 14.03 1.50
CA CYS A 216 -7.17 12.78 1.57
C CYS A 216 -8.66 13.04 1.41
N ALA A 217 -9.31 12.30 0.53
CA ALA A 217 -10.76 12.36 0.38
C ALA A 217 -11.30 13.73 -0.05
N GLN A 218 -10.45 14.55 -0.65
CA GLN A 218 -10.90 15.86 -1.17
C GLN A 218 -11.56 15.68 -2.52
N ARG A 219 -12.44 16.62 -2.87
CA ARG A 219 -13.09 16.56 -4.19
C ARG A 219 -12.09 16.79 -5.31
N ASN A 220 -12.20 15.98 -6.35
CA ASN A 220 -11.33 16.07 -7.53
C ASN A 220 -9.87 15.76 -7.23
N LYS A 221 -9.62 15.14 -6.08
CA LYS A 221 -8.27 14.76 -5.70
C LYS A 221 -8.22 13.28 -5.28
N PRO A 222 -8.38 12.37 -6.25
CA PRO A 222 -8.36 10.94 -5.94
C PRO A 222 -6.97 10.46 -5.55
N GLY A 223 -6.90 9.44 -4.71
CA GLY A 223 -5.63 8.86 -4.31
C GLY A 223 -4.83 8.38 -5.51
N VAL A 224 -3.52 8.47 -5.42
CA VAL A 224 -2.65 8.01 -6.50
C VAL A 224 -1.90 6.75 -6.08
N TYR A 225 -1.85 5.78 -6.99
CA TYR A 225 -1.30 4.46 -6.68
C TYR A 225 -0.29 4.03 -7.73
N THR A 226 0.65 3.19 -7.32
CA THR A 226 1.60 2.59 -8.24
C THR A 226 0.94 1.39 -8.92
N ARG A 227 1.05 1.31 -10.25
CA ARG A 227 0.45 0.21 -11.01
C ARG A 227 1.21 -1.10 -10.79
N LEU A 228 0.51 -2.22 -10.88
CA LEU A 228 1.11 -3.52 -10.59
C LEU A 228 1.60 -4.28 -11.82
N PRO A 229 0.76 -4.40 -12.88
CA PRO A 229 1.17 -5.16 -14.06
C PRO A 229 2.49 -4.68 -14.64
N LEU A 230 2.71 -3.36 -14.64
CA LEU A 230 3.94 -2.77 -15.15
C LEU A 230 5.20 -3.34 -14.51
N PHE A 231 5.07 -3.85 -13.28
CA PHE A 231 6.21 -4.31 -12.51
C PHE A 231 6.19 -5.82 -12.28
N ARG A 232 5.32 -6.52 -12.98
CA ARG A 232 5.19 -7.96 -12.79
C ARG A 232 6.50 -8.68 -13.13
N ASP A 233 7.18 -8.22 -14.17
CA ASP A 233 8.44 -8.82 -14.59
C ASP A 233 9.59 -8.42 -13.66
N TRP A 234 9.53 -7.19 -13.15
CA TRP A 234 10.54 -6.71 -12.22
C TRP A 234 10.49 -7.50 -10.91
N ILE A 235 9.28 -7.77 -10.44
CA ILE A 235 9.07 -8.58 -9.25
C ILE A 235 9.62 -10.00 -9.41
N LYS A 236 9.31 -10.63 -10.54
CA LYS A 236 9.75 -12.00 -10.81
C LYS A 236 11.27 -12.13 -10.85
N GLU A 237 11.93 -11.22 -11.57
CA GLU A 237 13.38 -11.29 -11.73
C GLU A 237 14.13 -11.00 -10.43
N ASN A 238 13.44 -10.40 -9.47
CA ASN A 238 14.06 -10.04 -8.19
C ASN A 238 13.72 -11.00 -7.05
N THR A 239 12.59 -11.69 -7.17
CA THR A 239 12.11 -12.54 -6.08
C THR A 239 11.94 -14.00 -6.50
N GLY A 240 11.70 -14.23 -7.78
CA GLY A 240 11.39 -15.55 -8.28
C GLY A 240 9.91 -15.83 -8.18
N VAL A 241 9.15 -14.86 -7.67
CA VAL A 241 7.71 -14.98 -7.56
C VAL A 241 7.00 -14.38 -8.76
N GLY B 1 0.75 20.53 -2.76
CA GLY B 1 -0.06 19.73 -1.84
C GLY B 1 0.10 18.20 -1.82
N ARG B 2 1.03 17.71 -2.60
CA ARG B 2 1.42 16.30 -2.74
C ARG B 2 2.07 15.76 -1.48
N CYS B 3 1.46 14.72 -0.90
CA CYS B 3 2.01 14.03 0.26
C CYS B 3 1.90 12.53 0.06
N THR B 4 2.98 11.80 0.36
CA THR B 4 2.90 10.35 0.42
C THR B 4 1.99 9.93 1.57
N LYS B 5 1.46 8.72 1.50
CA LYS B 5 0.49 8.24 2.48
C LYS B 5 1.18 7.47 3.59
N SER B 6 2.39 7.90 3.96
CA SER B 6 3.16 7.25 5.00
C SER B 6 3.21 8.07 6.28
N ILE B 7 3.85 7.52 7.32
CA ILE B 7 4.01 8.21 8.60
C ILE B 7 5.46 8.17 9.05
N PRO B 8 6.11 9.34 9.11
CA PRO B 8 5.52 10.63 8.71
C PRO B 8 5.46 10.76 7.20
N PRO B 9 4.50 11.56 6.70
CA PRO B 9 4.33 11.76 5.25
C PRO B 9 5.45 12.61 4.67
N ILE B 10 5.77 12.38 3.40
CA ILE B 10 6.69 13.23 2.68
C ILE B 10 5.88 14.22 1.85
N CYS B 11 5.91 15.49 2.23
CA CYS B 11 5.07 16.51 1.59
C CYS B 11 5.86 17.59 0.86
N PHE B 12 5.21 18.18 -0.15
CA PHE B 12 5.79 19.29 -0.89
C PHE B 12 4.78 20.44 -0.99
N PRO B 13 5.29 21.68 -1.15
CA PRO B 13 4.42 22.87 -1.14
C PRO B 13 3.29 22.78 -2.16
N ASP B 14 3.55 22.18 -3.33
CA ASP B 14 2.53 22.04 -4.35
C ASP B 14 1.43 21.08 -3.89
N1 GSH C . -2.94 -23.15 -3.44
CA1 GSH C . -3.81 -22.99 -2.31
C1 GSH C . -5.19 -23.07 -2.86
O11 GSH C . -6.15 -22.78 -2.10
O12 GSH C . -5.30 -23.39 -4.05
CB1 GSH C . -3.59 -21.60 -1.77
CG1 GSH C . -3.45 -20.63 -2.93
CD1 GSH C . -3.77 -19.23 -2.50
OE1 GSH C . -4.28 -18.99 -1.43
N2 GSH C . -3.46 -18.32 -3.40
CA2 GSH C . -3.65 -16.91 -3.19
C2 GSH C . -5.03 -16.38 -3.42
O2 GSH C . -5.98 -17.08 -3.64
CB2 GSH C . -2.65 -16.37 -4.18
SG2 GSH C . -3.26 -16.39 -5.86
N3 GSH C . -5.19 -15.08 -3.38
CA3 GSH C . -6.42 -14.39 -3.59
C3 GSH C . -7.49 -15.01 -2.76
O31 GSH C . -7.19 -15.94 -2.06
O32 GSH C . -8.63 -14.55 -2.81
#